data_7YJ8
#
_entry.id   7YJ8
#
_cell.length_a   67.612
_cell.length_b   72.572
_cell.length_c   83.555
_cell.angle_alpha   90.000
_cell.angle_beta   90.000
_cell.angle_gamma   90.000
#
_symmetry.space_group_name_H-M   'P 2 21 21'
#
loop_
_entity.id
_entity.type
_entity.pdbx_description
1 polymer 'chalcone synthase 1 (ScCHS1)'
2 non-polymer pinocembrin
3 water water
#
_entity_poly.entity_id   1
_entity_poly.type   'polypeptide(L)'
_entity_poly.pdbx_seq_one_letter_code
;MASATIPAPAPRKMERAEGPASVLAIGTAVPPNVVYQKDYPDFYFGVTNSNHKTELKDKFQRMCDKSCVSKRHLYLTEEI
LKANPSLCAYWEPSLDLRQDIVVVEVPKLGKQAASAAIKEWGQPKSKITHLIFCTTSGVDMPGADWALAKLLGLRSSVKR
LVLYMQGCYGGGTVLRIAKDLAENNKGARVLVVCSEITAITFRGPSDTHLDSLVGQALFGDGASALIVGSDPVPAVERAW
FELHWTGSDILPNSDGAIDGHLKEVGLTFHLMKDVPAIISKNIGGILKDALAKVFPAAHDQLDSSGTTAAAPPPPTYNDL
FWITHPGGPAILDQVEDRLGLRKDKLASTRAVLDQFGNMSSATVLFIMDEMRKRSVEQQLGTTGEGHEWGLLLGFGPGLT
CETVVLRSVPLV
;
_entity_poly.pdbx_strand_id   A
#
loop_
_chem_comp.id
_chem_comp.type
_chem_comp.name
_chem_comp.formula
KML non-polymer pinocembrin 'C15 H12 O4'
#
# COMPACT_ATOMS: atom_id res chain seq x y z
N ARG A 12 -29.23 24.47 2.37
CA ARG A 12 -28.23 25.31 3.03
C ARG A 12 -27.26 24.42 3.76
N LYS A 13 -27.31 23.12 3.46
CA LYS A 13 -26.65 22.15 4.32
C LYS A 13 -26.37 20.87 3.55
N MET A 14 -25.39 20.13 4.05
CA MET A 14 -25.14 18.75 3.66
C MET A 14 -25.22 17.93 4.94
N GLU A 15 -26.22 17.03 5.01
CA GLU A 15 -26.35 16.11 6.14
C GLU A 15 -25.08 15.27 6.27
N ARG A 16 -24.70 15.02 7.51
CA ARG A 16 -23.58 14.15 7.81
C ARG A 16 -24.10 12.78 8.21
N ALA A 17 -23.20 11.79 8.13
CA ALA A 17 -23.47 10.42 8.53
C ALA A 17 -23.35 10.27 10.05
N GLU A 18 -23.74 9.10 10.57
CA GLU A 18 -23.69 8.97 12.01
C GLU A 18 -22.68 7.95 12.51
N GLY A 19 -22.50 6.83 11.83
CA GLY A 19 -21.62 5.79 12.33
C GLY A 19 -20.22 5.89 11.78
N PRO A 20 -19.33 5.03 12.24
CA PRO A 20 -17.92 5.14 11.82
C PRO A 20 -17.71 4.68 10.38
N ALA A 21 -16.89 5.44 9.62
CA ALA A 21 -16.47 5.00 8.29
C ALA A 21 -16.06 3.53 8.31
N SER A 22 -16.72 2.71 7.47
CA SER A 22 -16.48 1.27 7.44
C SER A 22 -16.07 0.82 6.05
N VAL A 23 -15.19 -0.18 6.01
CA VAL A 23 -14.78 -0.81 4.76
C VAL A 23 -15.86 -1.82 4.40
N LEU A 24 -16.51 -1.62 3.26
CA LEU A 24 -17.66 -2.42 2.83
C LEU A 24 -17.28 -3.46 1.78
N ALA A 25 -16.10 -3.36 1.18
CA ALA A 25 -15.62 -4.28 0.16
C ALA A 25 -14.17 -3.97 -0.15
N ILE A 26 -13.43 -4.99 -0.60
CA ILE A 26 -12.04 -4.85 -1.01
C ILE A 26 -11.80 -5.69 -2.24
N GLY A 27 -11.16 -5.10 -3.24
CA GLY A 27 -10.69 -5.85 -4.40
C GLY A 27 -9.23 -5.57 -4.63
N THR A 28 -8.56 -6.53 -5.27
CA THR A 28 -7.14 -6.37 -5.60
C THR A 28 -6.89 -6.81 -7.02
N ALA A 29 -5.75 -6.37 -7.56
CA ALA A 29 -5.36 -6.80 -8.90
C ALA A 29 -3.86 -6.66 -9.07
N VAL A 30 -3.30 -7.56 -9.86
CA VAL A 30 -1.87 -7.58 -10.16
C VAL A 30 -1.68 -7.90 -11.63
N PRO A 31 -0.61 -7.38 -12.21
CA PRO A 31 -0.26 -7.76 -13.57
C PRO A 31 -0.08 -9.28 -13.64
N PRO A 32 -0.32 -9.88 -14.81
CA PRO A 32 -0.25 -11.35 -14.90
C PRO A 32 1.16 -11.92 -14.82
N ASN A 33 2.15 -11.17 -15.28
CA ASN A 33 3.51 -11.68 -15.35
C ASN A 33 4.07 -11.87 -13.94
N VAL A 34 4.48 -13.09 -13.59
CA VAL A 34 5.03 -13.39 -12.27
C VAL A 34 6.53 -13.62 -12.39
N VAL A 35 7.28 -13.05 -11.46
CA VAL A 35 8.73 -13.15 -11.45
C VAL A 35 9.15 -13.71 -10.11
N TYR A 36 9.70 -14.93 -10.12
CA TYR A 36 10.11 -15.56 -8.88
C TYR A 36 11.46 -15.02 -8.43
N GLN A 37 11.56 -14.73 -7.13
CA GLN A 37 12.78 -14.13 -6.59
C GLN A 37 13.99 -15.03 -6.79
N LYS A 38 13.81 -16.36 -6.76
CA LYS A 38 14.89 -17.25 -7.15
C LYS A 38 15.45 -16.83 -8.50
N ASP A 39 14.57 -16.46 -9.42
CA ASP A 39 14.93 -16.17 -10.80
C ASP A 39 15.35 -14.72 -11.02
N TYR A 40 15.04 -13.82 -10.08
CA TYR A 40 15.13 -12.39 -10.40
C TYR A 40 16.56 -11.89 -10.60
N PRO A 41 17.54 -12.23 -9.77
CA PRO A 41 18.88 -11.71 -10.02
C PRO A 41 19.41 -12.06 -11.40
N ASP A 42 19.03 -13.22 -11.93
CA ASP A 42 19.42 -13.57 -13.29
C ASP A 42 18.62 -12.77 -14.31
N PHE A 43 17.28 -12.78 -14.18
CA PHE A 43 16.44 -11.99 -15.08
C PHE A 43 16.86 -10.52 -15.06
N TYR A 44 17.04 -9.95 -13.86
CA TYR A 44 17.38 -8.54 -13.74
C TYR A 44 18.72 -8.24 -14.38
N PHE A 45 19.77 -8.96 -13.98
CA PHE A 45 21.08 -8.68 -14.53
C PHE A 45 21.19 -9.10 -16.00
N GLY A 46 20.45 -10.12 -16.42
CA GLY A 46 20.42 -10.50 -17.81
C GLY A 46 19.83 -9.41 -18.68
N VAL A 47 18.61 -8.97 -18.35
CA VAL A 47 17.91 -7.99 -19.16
C VAL A 47 18.54 -6.61 -19.13
N THR A 48 19.53 -6.39 -18.24
CA THR A 48 20.16 -5.09 -18.10
C THR A 48 21.58 -5.04 -18.64
N ASN A 49 22.03 -6.10 -19.32
CA ASN A 49 23.37 -6.16 -19.91
C ASN A 49 24.44 -5.84 -18.86
N SER A 50 24.41 -6.58 -17.74
CA SER A 50 25.30 -6.23 -16.65
C SER A 50 25.86 -7.40 -15.85
N ASN A 51 25.92 -8.62 -16.41
CA ASN A 51 26.45 -9.75 -15.65
C ASN A 51 27.96 -9.73 -15.52
N HIS A 52 28.65 -8.96 -16.36
CA HIS A 52 30.06 -8.71 -16.13
C HIS A 52 30.29 -7.99 -14.80
N LYS A 53 29.26 -7.33 -14.25
CA LYS A 53 29.32 -6.70 -12.94
C LYS A 53 29.24 -7.75 -11.84
N THR A 54 30.19 -8.69 -11.83
CA THR A 54 30.12 -9.85 -10.94
C THR A 54 30.05 -9.44 -9.47
N GLU A 55 30.76 -8.38 -9.09
CA GLU A 55 30.74 -7.92 -7.71
C GLU A 55 29.36 -7.43 -7.32
N LEU A 56 28.87 -6.40 -8.03
CA LEU A 56 27.53 -5.88 -7.83
C LEU A 56 26.49 -6.98 -7.81
N LYS A 57 26.62 -7.89 -8.77
CA LYS A 57 25.62 -8.93 -8.97
C LYS A 57 25.41 -9.76 -7.73
N ASP A 58 26.47 -10.02 -6.97
CA ASP A 58 26.37 -11.01 -5.91
C ASP A 58 25.86 -10.45 -4.59
N LYS A 59 26.14 -9.19 -4.27
CA LYS A 59 25.49 -8.67 -3.08
C LYS A 59 24.00 -8.49 -3.33
N PHE A 60 23.60 -8.24 -4.58
CA PHE A 60 22.18 -8.29 -4.91
C PHE A 60 21.65 -9.70 -4.69
N GLN A 61 22.33 -10.70 -5.25
CA GLN A 61 21.99 -12.07 -4.92
C GLN A 61 21.74 -12.22 -3.42
N ARG A 62 22.61 -11.64 -2.58
CA ARG A 62 22.47 -11.76 -1.13
C ARG A 62 21.23 -11.04 -0.60
N MET A 63 20.88 -9.89 -1.19
CA MET A 63 19.70 -9.20 -0.69
C MET A 63 18.41 -9.83 -1.16
N CYS A 64 18.40 -10.39 -2.37
CA CYS A 64 17.28 -11.24 -2.77
C CYS A 64 17.10 -12.39 -1.79
N ASP A 65 18.22 -13.01 -1.40
CA ASP A 65 18.17 -14.12 -0.46
C ASP A 65 17.51 -13.72 0.85
N LYS A 66 17.76 -12.49 1.31
CA LYS A 66 17.27 -12.05 2.61
C LYS A 66 16.06 -11.12 2.50
N SER A 67 15.40 -11.08 1.33
CA SER A 67 14.32 -10.13 1.10
C SER A 67 12.97 -10.60 1.60
N CYS A 68 12.84 -11.88 1.97
CA CYS A 68 11.56 -12.49 2.37
C CYS A 68 10.44 -12.16 1.37
N VAL A 69 10.82 -12.02 0.11
CA VAL A 69 9.88 -11.97 -1.00
C VAL A 69 10.13 -13.22 -1.83
N SER A 70 9.06 -13.98 -2.09
CA SER A 70 9.16 -15.17 -2.94
C SER A 70 8.89 -14.85 -4.40
N LYS A 71 7.89 -14.01 -4.67
CA LYS A 71 7.53 -13.65 -6.03
C LYS A 71 6.90 -12.27 -6.03
N ARG A 72 6.90 -11.65 -7.21
CA ARG A 72 6.21 -10.39 -7.42
C ARG A 72 5.62 -10.38 -8.81
N HIS A 73 4.50 -9.66 -8.95
CA HIS A 73 3.84 -9.46 -10.23
C HIS A 73 4.31 -8.14 -10.82
N LEU A 74 4.77 -8.18 -12.06
CA LEU A 74 5.38 -7.03 -12.70
C LEU A 74 4.79 -6.81 -14.08
N TYR A 75 4.52 -5.55 -14.39
CA TYR A 75 3.98 -5.21 -15.69
C TYR A 75 5.05 -5.29 -16.78
N LEU A 76 6.28 -4.89 -16.44
CA LEU A 76 7.38 -4.95 -17.40
C LEU A 76 7.72 -6.40 -17.70
N THR A 77 7.71 -6.76 -18.98
CA THR A 77 8.09 -8.07 -19.45
C THR A 77 9.52 -8.03 -19.94
N GLU A 78 10.12 -9.23 -20.04
CA GLU A 78 11.34 -9.38 -20.84
C GLU A 78 11.17 -8.71 -22.19
N GLU A 79 10.01 -8.93 -22.85
CA GLU A 79 9.80 -8.39 -24.18
C GLU A 79 9.59 -6.89 -24.15
N ILE A 80 8.88 -6.37 -23.15
CA ILE A 80 8.66 -4.93 -23.07
C ILE A 80 9.98 -4.21 -22.82
N LEU A 81 10.82 -4.78 -21.95
CA LEU A 81 12.15 -4.19 -21.74
C LEU A 81 13.04 -4.40 -22.96
N LYS A 82 12.88 -5.53 -23.63
CA LYS A 82 13.55 -5.74 -24.91
C LYS A 82 13.25 -4.59 -25.85
N ALA A 83 11.98 -4.18 -25.92
CA ALA A 83 11.56 -3.23 -26.94
C ALA A 83 11.84 -1.78 -26.57
N ASN A 84 12.16 -1.49 -25.31
CA ASN A 84 12.42 -0.12 -24.88
C ASN A 84 13.74 -0.11 -24.13
N PRO A 85 14.85 0.13 -24.84
CA PRO A 85 16.18 -0.05 -24.22
C PRO A 85 16.50 0.96 -23.13
N SER A 86 15.83 2.12 -23.09
CA SER A 86 16.22 3.18 -22.17
C SER A 86 15.88 2.89 -20.73
N LEU A 87 14.97 1.93 -20.47
CA LEU A 87 14.72 1.48 -19.09
C LEU A 87 15.72 0.42 -18.67
N CYS A 88 16.08 -0.50 -19.56
CA CYS A 88 17.12 -1.48 -19.28
C CYS A 88 18.45 -0.80 -19.08
N ALA A 89 18.70 0.28 -19.81
CA ALA A 89 19.88 1.11 -19.56
C ALA A 89 19.78 1.63 -18.14
N TYR A 90 20.70 2.50 -17.78
CA TYR A 90 20.62 3.03 -16.43
C TYR A 90 20.97 4.51 -16.47
N TRP A 91 20.11 5.32 -15.86
CA TRP A 91 20.27 6.76 -15.79
C TRP A 91 20.39 7.40 -17.17
N GLU A 92 19.45 7.07 -18.05
CA GLU A 92 19.34 7.74 -19.32
C GLU A 92 17.91 8.20 -19.50
N PRO A 93 17.71 9.39 -20.11
CA PRO A 93 16.36 9.91 -20.38
C PRO A 93 15.29 8.85 -20.59
N SER A 94 14.27 8.88 -19.76
CA SER A 94 13.26 7.84 -19.78
C SER A 94 11.89 8.29 -19.28
N LEU A 95 11.72 9.54 -18.87
CA LEU A 95 10.49 9.91 -18.18
C LEU A 95 9.29 9.87 -19.12
N ASP A 96 9.42 10.38 -20.35
CA ASP A 96 8.25 10.40 -21.23
C ASP A 96 7.78 8.99 -21.55
N LEU A 97 8.70 8.03 -21.65
CA LEU A 97 8.27 6.68 -22.01
C LEU A 97 7.57 5.99 -20.85
N ARG A 98 8.13 6.11 -19.65
CA ARG A 98 7.48 5.50 -18.48
C ARG A 98 6.13 6.14 -18.23
N GLN A 99 6.05 7.47 -18.31
CA GLN A 99 4.78 8.14 -18.07
C GLN A 99 3.75 7.69 -19.09
N ASP A 100 4.16 7.63 -20.36
CA ASP A 100 3.25 7.16 -21.40
C ASP A 100 2.87 5.69 -21.20
N ILE A 101 3.58 4.98 -20.33
CA ILE A 101 3.14 3.66 -19.89
C ILE A 101 2.27 3.77 -18.67
N VAL A 102 2.76 4.49 -17.67
CA VAL A 102 2.16 4.42 -16.35
C VAL A 102 0.85 5.20 -16.31
N VAL A 103 0.75 6.29 -17.06
CA VAL A 103 -0.49 7.07 -16.97
C VAL A 103 -1.68 6.30 -17.53
N VAL A 104 -1.45 5.26 -18.33
CA VAL A 104 -2.54 4.39 -18.77
C VAL A 104 -2.58 3.08 -17.97
N GLU A 105 -1.42 2.50 -17.64
CA GLU A 105 -1.45 1.19 -17.01
C GLU A 105 -1.83 1.27 -15.54
N VAL A 106 -1.50 2.36 -14.87
CA VAL A 106 -1.87 2.51 -13.46
C VAL A 106 -3.38 2.65 -13.29
N PRO A 107 -4.08 3.52 -14.02
CA PRO A 107 -5.56 3.54 -13.87
C PRO A 107 -6.21 2.25 -14.35
N LYS A 108 -5.61 1.57 -15.33
CA LYS A 108 -6.19 0.34 -15.84
C LYS A 108 -6.08 -0.78 -14.81
N LEU A 109 -4.93 -0.89 -14.16
CA LEU A 109 -4.79 -1.86 -13.07
C LEU A 109 -5.73 -1.51 -11.92
N GLY A 110 -5.87 -0.22 -11.62
CA GLY A 110 -6.81 0.19 -10.58
C GLY A 110 -8.24 -0.12 -10.94
N LYS A 111 -8.59 -0.06 -12.24
CA LYS A 111 -9.96 -0.36 -12.63
C LYS A 111 -10.26 -1.84 -12.41
N GLN A 112 -9.26 -2.71 -12.55
CA GLN A 112 -9.47 -4.12 -12.22
C GLN A 112 -9.86 -4.29 -10.76
N ALA A 113 -9.08 -3.71 -9.84
CA ALA A 113 -9.37 -3.87 -8.42
C ALA A 113 -10.72 -3.27 -8.07
N ALA A 114 -11.00 -2.10 -8.64
CA ALA A 114 -12.27 -1.39 -8.39
C ALA A 114 -13.48 -2.23 -8.80
N SER A 115 -13.42 -2.87 -9.97
CA SER A 115 -14.55 -3.69 -10.39
C SER A 115 -14.76 -4.87 -9.45
N ALA A 116 -13.66 -5.43 -8.94
CA ALA A 116 -13.78 -6.52 -7.98
C ALA A 116 -14.43 -6.05 -6.68
N ALA A 117 -14.01 -4.88 -6.18
CA ALA A 117 -14.64 -4.33 -4.98
C ALA A 117 -16.12 -4.03 -5.20
N ILE A 118 -16.47 -3.45 -6.34
CA ILE A 118 -17.86 -3.05 -6.58
C ILE A 118 -18.75 -4.29 -6.71
N LYS A 119 -18.35 -5.25 -7.54
CA LYS A 119 -19.06 -6.52 -7.60
C LYS A 119 -19.30 -7.05 -6.19
N GLU A 120 -18.23 -7.13 -5.38
CA GLU A 120 -18.38 -7.70 -4.03
C GLU A 120 -19.39 -6.90 -3.23
N TRP A 121 -19.25 -5.58 -3.28
CA TRP A 121 -20.16 -4.69 -2.57
C TRP A 121 -21.61 -4.96 -2.96
N GLY A 122 -21.85 -5.12 -4.25
CA GLY A 122 -23.14 -5.56 -4.74
C GLY A 122 -24.10 -4.46 -5.16
N GLN A 123 -23.78 -3.22 -4.86
CA GLN A 123 -24.57 -2.06 -5.25
C GLN A 123 -24.17 -1.56 -6.62
N PRO A 124 -25.05 -0.86 -7.32
CA PRO A 124 -24.69 -0.29 -8.62
C PRO A 124 -23.59 0.75 -8.50
N LYS A 125 -22.72 0.78 -9.51
CA LYS A 125 -21.58 1.68 -9.47
C LYS A 125 -21.98 3.14 -9.34
N SER A 126 -23.21 3.50 -9.73
CA SER A 126 -23.62 4.89 -9.63
C SER A 126 -23.83 5.34 -8.19
N LYS A 127 -23.91 4.42 -7.24
CA LYS A 127 -23.98 4.83 -5.84
C LYS A 127 -22.64 5.30 -5.29
N ILE A 128 -21.56 5.21 -6.07
CA ILE A 128 -20.28 5.76 -5.62
C ILE A 128 -20.34 7.27 -5.79
N THR A 129 -20.18 7.99 -4.68
CA THR A 129 -20.24 9.45 -4.68
C THR A 129 -18.87 10.12 -4.65
N HIS A 130 -17.84 9.42 -4.17
CA HIS A 130 -16.49 9.98 -4.06
C HIS A 130 -15.47 8.96 -4.58
N LEU A 131 -14.32 9.47 -5.00
CA LEU A 131 -13.18 8.65 -5.44
C LEU A 131 -11.90 9.24 -4.88
N ILE A 132 -11.06 8.40 -4.26
CA ILE A 132 -9.69 8.75 -3.89
C ILE A 132 -8.75 7.82 -4.64
N PHE A 133 -7.94 8.36 -5.55
CA PHE A 133 -6.99 7.55 -6.31
C PHE A 133 -5.59 7.92 -5.84
N CYS A 134 -4.83 6.93 -5.39
CA CYS A 134 -3.52 7.14 -4.81
C CYS A 134 -2.48 6.35 -5.58
N THR A 135 -1.37 6.99 -5.92
CA THR A 135 -0.33 6.32 -6.68
C THR A 135 0.99 7.06 -6.49
N THR A 136 2.08 6.31 -6.58
CA THR A 136 3.43 6.84 -6.63
C THR A 136 4.03 6.73 -8.03
N SER A 137 3.25 6.22 -8.99
CA SER A 137 3.73 5.90 -10.33
C SER A 137 3.00 6.76 -11.35
N GLY A 138 3.66 7.78 -11.87
CA GLY A 138 3.12 8.66 -12.91
C GLY A 138 2.32 9.83 -12.36
N VAL A 139 2.29 10.92 -13.16
CA VAL A 139 1.44 12.08 -12.90
C VAL A 139 0.92 12.60 -14.24
N ASP A 140 -0.24 13.27 -14.21
CA ASP A 140 -0.87 13.77 -15.43
C ASP A 140 -2.06 14.65 -15.08
N MET A 141 -2.48 15.47 -16.05
CA MET A 141 -3.74 16.22 -15.93
C MET A 141 -4.52 16.10 -17.23
N PRO A 142 -5.77 15.62 -17.16
CA PRO A 142 -6.52 15.13 -15.99
C PRO A 142 -5.84 13.87 -15.42
N GLY A 143 -6.07 13.57 -14.15
CA GLY A 143 -5.27 12.59 -13.45
C GLY A 143 -5.83 11.17 -13.51
N ALA A 144 -5.10 10.27 -12.84
CA ALA A 144 -5.53 8.88 -12.74
C ALA A 144 -6.93 8.75 -12.14
N ASP A 145 -7.34 9.70 -11.30
CA ASP A 145 -8.68 9.64 -10.74
C ASP A 145 -9.72 9.76 -11.85
N TRP A 146 -9.49 10.70 -12.77
CA TRP A 146 -10.42 10.95 -13.87
C TRP A 146 -10.32 9.81 -14.89
N ALA A 147 -9.12 9.33 -15.17
CA ALA A 147 -8.97 8.18 -16.07
C ALA A 147 -9.70 6.95 -15.54
N LEU A 148 -9.60 6.70 -14.22
CA LEU A 148 -10.31 5.59 -13.61
C LEU A 148 -11.82 5.80 -13.68
N ALA A 149 -12.30 7.01 -13.33
CA ALA A 149 -13.72 7.29 -13.44
C ALA A 149 -14.22 7.08 -14.87
N LYS A 150 -13.41 7.48 -15.87
CA LYS A 150 -13.81 7.25 -17.25
C LYS A 150 -13.89 5.76 -17.54
N LEU A 151 -12.88 4.99 -17.12
CA LEU A 151 -12.88 3.55 -17.36
C LEU A 151 -14.07 2.87 -16.71
N LEU A 152 -14.43 3.31 -15.50
CA LEU A 152 -15.52 2.66 -14.76
C LEU A 152 -16.89 3.17 -15.18
N GLY A 153 -16.96 4.37 -15.75
CA GLY A 153 -18.24 4.95 -16.07
C GLY A 153 -18.96 5.42 -14.82
N LEU A 154 -18.25 6.10 -13.93
CA LEU A 154 -18.89 6.61 -12.75
C LEU A 154 -19.70 7.84 -13.14
N ARG A 155 -20.65 8.22 -12.28
CA ARG A 155 -21.45 9.40 -12.58
C ARG A 155 -20.52 10.59 -12.71
N SER A 156 -20.90 11.54 -13.58
CA SER A 156 -19.99 12.62 -13.90
C SER A 156 -19.76 13.55 -12.73
N SER A 157 -20.57 13.43 -11.68
CA SER A 157 -20.47 14.29 -10.52
C SER A 157 -19.81 13.63 -9.32
N VAL A 158 -19.10 12.51 -9.49
CA VAL A 158 -18.41 11.96 -8.34
C VAL A 158 -17.33 12.95 -7.93
N LYS A 159 -17.18 13.15 -6.61
CA LYS A 159 -16.16 14.03 -6.11
C LYS A 159 -14.84 13.28 -6.05
N ARG A 160 -13.87 13.71 -6.86
CA ARG A 160 -12.61 12.99 -7.04
C ARG A 160 -11.48 13.67 -6.30
N LEU A 161 -10.45 12.88 -5.98
CA LEU A 161 -9.23 13.36 -5.36
C LEU A 161 -8.10 12.46 -5.81
N VAL A 162 -7.06 13.01 -6.43
CA VAL A 162 -5.90 12.23 -6.84
C VAL A 162 -4.74 12.60 -5.90
N LEU A 163 -4.18 11.59 -5.26
CA LEU A 163 -3.02 11.76 -4.39
C LEU A 163 -1.82 11.17 -5.11
N TYR A 164 -0.98 12.04 -5.65
CA TYR A 164 0.21 11.67 -6.40
C TYR A 164 1.43 11.72 -5.50
N MET A 165 2.48 11.01 -5.92
CA MET A 165 3.80 11.08 -5.27
C MET A 165 3.71 10.91 -3.75
N GLN A 166 2.89 9.94 -3.32
CA GLN A 166 2.71 9.70 -1.89
C GLN A 166 3.84 8.84 -1.33
N GLY A 167 4.01 7.65 -1.86
CA GLY A 167 4.96 6.71 -1.30
C GLY A 167 4.27 5.69 -0.43
N CYS A 168 5.10 4.94 0.29
CA CYS A 168 4.67 3.78 1.04
C CYS A 168 3.78 4.11 2.25
N TYR A 169 3.54 5.38 2.60
CA TYR A 169 2.56 5.64 3.66
C TYR A 169 1.17 5.91 3.11
N GLY A 170 1.00 5.87 1.79
CA GLY A 170 -0.22 6.40 1.19
C GLY A 170 -1.44 5.59 1.52
N GLY A 171 -1.25 4.29 1.84
CA GLY A 171 -2.37 3.45 2.21
C GLY A 171 -3.05 3.89 3.49
N GLY A 172 -2.29 4.47 4.42
CA GLY A 172 -2.88 5.03 5.62
C GLY A 172 -3.50 6.38 5.30
N THR A 173 -2.84 7.13 4.41
CA THR A 173 -3.35 8.45 4.04
C THR A 173 -4.75 8.36 3.44
N VAL A 174 -4.98 7.39 2.55
CA VAL A 174 -6.30 7.34 1.90
C VAL A 174 -7.39 6.98 2.90
N LEU A 175 -7.07 6.15 3.89
CA LEU A 175 -8.04 5.87 4.97
C LEU A 175 -8.29 7.10 5.82
N ARG A 176 -7.24 7.86 6.12
CA ARG A 176 -7.42 9.05 6.93
C ARG A 176 -8.38 10.04 6.27
N ILE A 177 -8.25 10.22 4.95
CA ILE A 177 -9.14 11.14 4.21
C ILE A 177 -10.52 10.52 4.03
N ALA A 178 -10.58 9.24 3.62
CA ALA A 178 -11.88 8.61 3.35
C ALA A 178 -12.76 8.61 4.59
N LYS A 179 -12.15 8.50 5.76
CA LYS A 179 -12.91 8.50 7.01
C LYS A 179 -13.75 9.78 7.11
N ASP A 180 -13.13 10.93 6.81
CA ASP A 180 -13.87 12.19 6.93
C ASP A 180 -14.90 12.36 5.81
N LEU A 181 -14.58 11.89 4.60
CA LEU A 181 -15.56 11.97 3.51
C LEU A 181 -16.78 11.12 3.82
N ALA A 182 -16.56 9.90 4.28
CA ALA A 182 -17.68 9.02 4.58
C ALA A 182 -18.47 9.52 5.78
N GLU A 183 -17.77 9.98 6.83
CA GLU A 183 -18.46 10.27 8.07
C GLU A 183 -19.19 11.59 8.02
N ASN A 184 -18.69 12.54 7.24
CA ASN A 184 -19.28 13.87 7.19
C ASN A 184 -20.26 14.06 6.04
N ASN A 185 -20.58 13.00 5.27
CA ASN A 185 -21.53 13.11 4.17
C ASN A 185 -22.52 11.94 4.22
N LYS A 186 -23.76 12.23 4.57
CA LYS A 186 -24.75 11.17 4.68
C LYS A 186 -24.95 10.49 3.33
N GLY A 187 -24.88 9.17 3.32
CA GLY A 187 -25.06 8.42 2.10
C GLY A 187 -23.82 8.31 1.25
N ALA A 188 -22.73 8.96 1.63
CA ALA A 188 -21.53 8.90 0.81
C ALA A 188 -20.93 7.49 0.79
N ARG A 189 -20.48 7.08 -0.40
CA ARG A 189 -19.78 5.82 -0.61
C ARG A 189 -18.50 6.13 -1.38
N VAL A 190 -17.36 5.92 -0.74
CA VAL A 190 -16.07 6.35 -1.28
C VAL A 190 -15.40 5.15 -1.95
N LEU A 191 -15.07 5.30 -3.23
CA LEU A 191 -14.15 4.39 -3.88
C LEU A 191 -12.73 4.84 -3.56
N VAL A 192 -11.95 3.94 -2.96
CA VAL A 192 -10.56 4.20 -2.63
C VAL A 192 -9.72 3.27 -3.49
N VAL A 193 -8.77 3.82 -4.27
CA VAL A 193 -7.91 2.99 -5.11
C VAL A 193 -6.45 3.39 -4.91
N CYS A 194 -5.61 2.40 -4.62
CA CYS A 194 -4.16 2.56 -4.63
C CYS A 194 -3.60 1.64 -5.70
N SER A 195 -2.87 2.22 -6.65
CA SER A 195 -2.37 1.47 -7.80
C SER A 195 -0.93 1.87 -8.04
N GLU A 196 -0.05 0.88 -8.13
CA GLU A 196 1.37 1.16 -8.29
C GLU A 196 1.96 0.22 -9.33
N ILE A 197 2.78 0.78 -10.22
CA ILE A 197 3.45 -0.02 -11.26
C ILE A 197 4.90 0.44 -11.36
N THR A 198 5.82 -0.52 -11.34
CA THR A 198 7.24 -0.25 -11.11
C THR A 198 7.98 0.22 -12.34
N ALA A 199 7.30 0.40 -13.47
CA ALA A 199 7.99 0.94 -14.64
C ALA A 199 8.48 2.35 -14.42
N ILE A 200 7.99 3.05 -13.38
CA ILE A 200 8.38 4.44 -13.15
C ILE A 200 9.79 4.53 -12.57
N THR A 201 10.25 3.46 -11.90
CA THR A 201 11.55 3.42 -11.23
C THR A 201 12.50 2.37 -11.76
N PHE A 202 12.06 1.46 -12.61
CA PHE A 202 12.95 0.38 -13.05
C PHE A 202 14.16 0.96 -13.78
N ARG A 203 15.34 0.72 -13.22
CA ARG A 203 16.61 1.11 -13.84
C ARG A 203 17.54 -0.08 -13.90
N GLY A 204 18.66 0.11 -14.60
CA GLY A 204 19.76 -0.82 -14.51
C GLY A 204 20.50 -0.66 -13.18
N PRO A 205 21.35 -1.64 -12.88
CA PRO A 205 22.12 -1.60 -11.63
C PRO A 205 23.41 -0.82 -11.77
N SER A 206 23.86 -0.30 -10.64
CA SER A 206 25.14 0.39 -10.59
C SER A 206 25.70 0.30 -9.17
N ASP A 207 27.01 0.49 -9.06
CA ASP A 207 27.72 0.17 -7.82
C ASP A 207 27.80 1.33 -6.85
N THR A 208 27.16 2.47 -7.15
CA THR A 208 26.89 3.48 -6.14
C THR A 208 25.43 3.91 -6.16
N HIS A 209 24.59 3.21 -6.92
CA HIS A 209 23.14 3.22 -6.75
C HIS A 209 22.75 1.93 -6.03
N LEU A 210 23.04 1.89 -4.74
CA LEU A 210 22.64 0.72 -3.96
C LEU A 210 21.44 0.99 -3.09
N ASP A 211 20.95 2.23 -3.04
CA ASP A 211 19.56 2.46 -2.69
C ASP A 211 18.65 1.89 -3.75
N SER A 212 18.91 2.23 -5.01
CA SER A 212 18.12 1.73 -6.14
C SER A 212 18.23 0.22 -6.27
N LEU A 213 19.25 -0.38 -5.65
CA LEU A 213 19.40 -1.82 -5.69
C LEU A 213 18.36 -2.50 -4.79
N VAL A 214 18.23 -2.01 -3.55
CA VAL A 214 17.23 -2.54 -2.62
C VAL A 214 15.83 -2.41 -3.21
N GLY A 215 15.56 -1.29 -3.87
CA GLY A 215 14.30 -1.15 -4.58
C GLY A 215 14.06 -2.31 -5.53
N GLN A 216 15.09 -2.70 -6.28
CA GLN A 216 14.95 -3.78 -7.25
C GLN A 216 14.68 -5.13 -6.60
N ALA A 217 14.99 -5.27 -5.31
CA ALA A 217 14.75 -6.53 -4.65
C ALA A 217 13.33 -6.65 -4.08
N LEU A 218 12.69 -5.53 -3.73
CA LEU A 218 11.44 -5.57 -2.97
C LEU A 218 10.22 -5.01 -3.70
N PHE A 219 10.38 -4.10 -4.66
CA PHE A 219 9.22 -3.41 -5.22
C PHE A 219 8.52 -4.28 -6.26
N GLY A 220 7.20 -4.46 -6.08
CA GLY A 220 6.35 -5.12 -7.05
C GLY A 220 5.16 -4.26 -7.41
N ASP A 221 4.31 -4.80 -8.29
CA ASP A 221 3.15 -4.08 -8.81
C ASP A 221 1.84 -4.62 -8.23
N GLY A 222 0.84 -3.74 -8.16
CA GLY A 222 -0.48 -4.17 -7.74
C GLY A 222 -1.40 -2.99 -7.52
N ALA A 223 -2.70 -3.30 -7.44
CA ALA A 223 -3.68 -2.28 -7.09
C ALA A 223 -4.73 -2.88 -6.17
N SER A 224 -5.21 -2.07 -5.24
CA SER A 224 -6.25 -2.45 -4.30
C SER A 224 -7.32 -1.36 -4.29
N ALA A 225 -8.56 -1.78 -4.07
CA ALA A 225 -9.69 -0.88 -4.04
C ALA A 225 -10.58 -1.22 -2.85
N LEU A 226 -11.11 -0.17 -2.22
CA LEU A 226 -12.06 -0.24 -1.14
C LEU A 226 -13.33 0.50 -1.51
N ILE A 227 -14.45 0.05 -0.97
CA ILE A 227 -15.64 0.89 -0.81
C ILE A 227 -15.70 1.23 0.67
N VAL A 228 -15.70 2.51 1.00
CA VAL A 228 -15.75 2.98 2.38
C VAL A 228 -17.02 3.83 2.55
N GLY A 229 -17.84 3.45 3.53
CA GLY A 229 -19.04 4.22 3.82
C GLY A 229 -19.39 4.12 5.29
N SER A 230 -20.08 5.13 5.79
CA SER A 230 -20.68 5.09 7.10
C SER A 230 -22.12 4.60 7.01
N ASP A 231 -22.62 4.08 8.12
CA ASP A 231 -23.97 3.53 8.27
C ASP A 231 -24.31 2.51 7.18
N PRO A 232 -23.66 1.34 7.20
CA PRO A 232 -23.99 0.30 6.21
C PRO A 232 -25.47 -0.07 6.29
N VAL A 233 -26.10 -0.21 5.14
CA VAL A 233 -27.52 -0.58 5.11
C VAL A 233 -27.66 -1.99 5.67
N PRO A 234 -28.44 -2.19 6.73
CA PRO A 234 -28.48 -3.50 7.38
C PRO A 234 -29.02 -4.57 6.42
N ALA A 235 -28.42 -5.76 6.51
CA ALA A 235 -28.72 -6.94 5.72
C ALA A 235 -28.51 -6.72 4.23
N VAL A 236 -27.95 -5.59 3.84
CA VAL A 236 -27.77 -5.24 2.44
C VAL A 236 -26.29 -5.05 2.14
N GLU A 237 -25.63 -4.17 2.91
CA GLU A 237 -24.20 -3.91 2.85
C GLU A 237 -23.51 -4.54 4.07
N ARG A 238 -22.24 -4.89 3.90
CA ARG A 238 -21.48 -5.63 4.89
C ARG A 238 -20.20 -4.89 5.23
N ALA A 239 -20.01 -4.55 6.51
CA ALA A 239 -18.79 -3.93 6.97
C ALA A 239 -17.77 -4.99 7.35
N TRP A 240 -16.51 -4.73 7.05
CA TRP A 240 -15.42 -5.63 7.38
C TRP A 240 -14.46 -5.04 8.41
N PHE A 241 -14.19 -3.74 8.34
CA PHE A 241 -13.40 -3.03 9.33
C PHE A 241 -14.00 -1.64 9.51
N GLU A 242 -13.81 -1.08 10.71
CA GLU A 242 -14.28 0.28 11.00
C GLU A 242 -13.08 1.15 11.28
N LEU A 243 -13.07 2.37 10.72
CA LEU A 243 -11.99 3.31 10.99
C LEU A 243 -12.38 4.16 12.19
N HIS A 244 -11.62 4.06 13.28
CA HIS A 244 -11.99 4.78 14.50
C HIS A 244 -11.04 5.91 14.90
N TRP A 245 -9.75 5.82 14.58
CA TRP A 245 -8.82 6.85 15.01
C TRP A 245 -7.66 6.90 14.04
N THR A 246 -7.21 8.12 13.70
CA THR A 246 -6.10 8.29 12.76
C THR A 246 -5.10 9.28 13.33
N GLY A 247 -3.86 9.14 12.90
CA GLY A 247 -2.80 10.01 13.36
C GLY A 247 -1.66 9.94 12.38
N SER A 248 -0.95 11.05 12.25
CA SER A 248 0.16 11.15 11.33
C SER A 248 1.33 11.72 12.11
N ASP A 249 2.55 11.25 11.81
CA ASP A 249 3.71 11.70 12.57
C ASP A 249 4.95 11.74 11.69
N ILE A 250 5.74 12.79 11.88
CA ILE A 250 7.06 12.90 11.26
C ILE A 250 8.08 12.47 12.28
N LEU A 251 8.76 11.34 12.03
CA LEU A 251 9.59 10.76 13.06
C LEU A 251 10.81 11.65 13.33
N PRO A 252 11.30 11.67 14.58
CA PRO A 252 12.45 12.52 14.90
C PRO A 252 13.68 12.06 14.16
N ASN A 253 14.56 13.03 13.82
CA ASN A 253 15.88 12.76 13.26
C ASN A 253 15.81 11.83 12.05
N SER A 254 14.83 12.09 11.19
CA SER A 254 14.62 11.30 10.00
C SER A 254 14.68 12.13 8.74
N ASP A 255 15.14 13.37 8.83
CA ASP A 255 15.21 14.24 7.68
C ASP A 255 16.09 13.61 6.59
N GLY A 256 15.52 13.48 5.39
CA GLY A 256 16.24 12.86 4.30
C GLY A 256 16.32 11.36 4.36
N ALA A 257 15.61 10.72 5.28
CA ALA A 257 15.67 9.27 5.40
C ALA A 257 15.24 8.60 4.10
N ILE A 258 14.12 9.03 3.53
CA ILE A 258 13.54 8.42 2.34
C ILE A 258 13.15 9.55 1.40
N ASP A 259 13.91 9.72 0.31
CA ASP A 259 13.60 10.71 -0.69
C ASP A 259 13.28 10.04 -2.02
N GLY A 260 12.36 10.63 -2.76
CA GLY A 260 12.02 10.18 -4.11
C GLY A 260 11.86 11.36 -5.04
N HIS A 261 12.61 11.39 -6.14
CA HIS A 261 12.63 12.51 -7.08
C HIS A 261 12.11 12.07 -8.44
N LEU A 262 11.22 12.85 -9.04
CA LEU A 262 10.76 12.59 -10.40
C LEU A 262 11.66 13.35 -11.36
N LYS A 263 12.53 12.63 -12.06
CA LYS A 263 13.59 13.21 -12.87
C LYS A 263 13.46 12.79 -14.33
N GLU A 264 14.25 13.45 -15.18
CA GLU A 264 14.24 13.14 -16.60
C GLU A 264 14.59 11.67 -16.87
N VAL A 265 15.41 11.07 -16.00
CA VAL A 265 15.70 9.65 -16.09
C VAL A 265 14.63 8.79 -15.43
N GLY A 266 13.58 9.40 -14.91
CA GLY A 266 12.54 8.67 -14.22
C GLY A 266 12.54 8.97 -12.74
N LEU A 267 11.81 8.13 -11.99
CA LEU A 267 11.67 8.30 -10.55
C LEU A 267 12.83 7.60 -9.85
N THR A 268 13.53 8.35 -9.00
CA THR A 268 14.71 7.85 -8.31
C THR A 268 14.42 7.81 -6.82
N PHE A 269 15.17 6.95 -6.15
CA PHE A 269 14.83 6.43 -4.83
C PHE A 269 16.08 6.54 -3.97
N HIS A 270 15.93 7.07 -2.76
CA HIS A 270 17.09 7.37 -1.92
C HIS A 270 16.80 7.01 -0.48
N LEU A 271 17.75 6.32 0.16
CA LEU A 271 17.77 6.09 1.61
C LEU A 271 19.05 6.69 2.17
N MET A 272 18.94 7.72 3.00
CA MET A 272 20.10 8.36 3.63
C MET A 272 20.14 8.12 5.13
N LYS A 273 19.27 7.27 5.66
CA LYS A 273 19.29 6.91 7.06
C LYS A 273 18.99 5.43 7.22
N ASP A 274 19.29 4.90 8.40
CA ASP A 274 18.87 3.53 8.72
C ASP A 274 17.37 3.54 9.05
N VAL A 275 16.57 3.33 8.02
CA VAL A 275 15.12 3.42 8.17
C VAL A 275 14.58 2.43 9.20
N PRO A 276 15.09 1.19 9.30
CA PRO A 276 14.52 0.29 10.32
C PRO A 276 14.75 0.75 11.75
N ALA A 277 15.95 1.28 12.07
CA ALA A 277 16.19 1.83 13.40
C ALA A 277 15.24 2.98 13.73
N ILE A 278 15.05 3.91 12.78
CA ILE A 278 14.21 5.08 13.00
C ILE A 278 12.77 4.68 13.31
N ILE A 279 12.23 3.75 12.53
CA ILE A 279 10.85 3.36 12.74
C ILE A 279 10.71 2.59 14.04
N SER A 280 11.58 1.60 14.27
CA SER A 280 11.38 0.70 15.40
C SER A 280 11.64 1.40 16.73
N LYS A 281 12.52 2.40 16.74
CA LYS A 281 12.84 3.13 17.96
C LYS A 281 11.69 4.03 18.38
N ASN A 282 10.96 4.58 17.42
CA ASN A 282 9.93 5.56 17.73
C ASN A 282 8.52 5.00 17.65
N ILE A 283 8.34 3.78 17.12
CA ILE A 283 6.99 3.30 16.85
C ILE A 283 6.22 3.07 18.15
N GLY A 284 6.91 2.58 19.19
CA GLY A 284 6.25 2.32 20.46
C GLY A 284 5.56 3.53 21.03
N GLY A 285 6.30 4.64 21.18
CA GLY A 285 5.69 5.87 21.68
C GLY A 285 4.48 6.30 20.87
N ILE A 286 4.53 6.13 19.55
CA ILE A 286 3.38 6.50 18.73
C ILE A 286 2.17 5.62 19.05
N LEU A 287 2.37 4.30 19.01
CA LEU A 287 1.26 3.38 19.28
C LEU A 287 0.71 3.61 20.67
N LYS A 288 1.61 3.75 21.65
CA LYS A 288 1.16 3.94 23.03
C LYS A 288 0.32 5.19 23.16
N ASP A 289 0.73 6.29 22.51
CA ASP A 289 -0.09 7.50 22.56
C ASP A 289 -1.42 7.31 21.87
N ALA A 290 -1.42 6.72 20.67
CA ALA A 290 -2.65 6.50 19.93
C ALA A 290 -3.65 5.69 20.74
N LEU A 291 -3.19 4.59 21.34
CA LEU A 291 -4.09 3.77 22.15
C LEU A 291 -4.55 4.51 23.39
N ALA A 292 -3.69 5.34 23.97
CA ALA A 292 -4.10 6.17 25.10
C ALA A 292 -5.28 7.05 24.71
N LYS A 293 -5.27 7.59 23.48
CA LYS A 293 -6.36 8.45 23.03
C LYS A 293 -7.62 7.64 22.76
N VAL A 294 -7.46 6.46 22.17
CA VAL A 294 -8.62 5.64 21.85
C VAL A 294 -9.21 5.03 23.10
N PHE A 295 -8.38 4.69 24.09
CA PHE A 295 -8.85 4.05 25.31
C PHE A 295 -8.34 4.86 26.49
N PRO A 296 -8.92 6.02 26.74
CA PRO A 296 -8.44 6.88 27.82
C PRO A 296 -8.99 6.46 29.17
N ALA A 297 -8.18 6.70 30.20
CA ALA A 297 -8.69 6.67 31.55
C ALA A 297 -9.49 7.95 31.79
N ALA A 298 -10.46 7.88 32.68
CA ALA A 298 -11.33 9.04 32.90
C ALA A 298 -11.74 9.22 34.36
N ALA A 311 -13.13 2.48 32.90
CA ALA A 311 -13.02 2.44 31.44
C ALA A 311 -11.97 1.42 30.99
N PRO A 312 -12.07 0.99 29.73
CA PRO A 312 -11.11 0.03 29.19
C PRO A 312 -9.67 0.40 29.48
N PRO A 313 -8.83 -0.57 29.81
CA PRO A 313 -7.41 -0.44 29.51
C PRO A 313 -7.17 -0.85 28.07
N PRO A 314 -6.18 -0.25 27.39
CA PRO A 314 -5.97 -0.60 26.00
C PRO A 314 -5.54 -2.06 25.91
N PRO A 315 -5.97 -2.76 24.85
CA PRO A 315 -5.52 -4.14 24.69
C PRO A 315 -4.00 -4.19 24.59
N THR A 316 -3.42 -5.32 25.02
CA THR A 316 -2.00 -5.53 24.77
C THR A 316 -1.74 -5.64 23.26
N TYR A 317 -0.49 -5.43 22.88
CA TYR A 317 -0.11 -5.51 21.47
C TYR A 317 -0.48 -6.88 20.91
N ASN A 318 -0.30 -7.93 21.71
CA ASN A 318 -0.61 -9.26 21.21
C ASN A 318 -2.11 -9.50 21.10
N ASP A 319 -2.94 -8.65 21.68
CA ASP A 319 -4.40 -8.82 21.57
C ASP A 319 -5.02 -7.89 20.53
N LEU A 320 -4.20 -7.22 19.72
CA LEU A 320 -4.60 -6.45 18.54
C LEU A 320 -4.24 -7.18 17.25
N PHE A 321 -4.97 -6.89 16.18
CA PHE A 321 -4.54 -7.35 14.86
C PHE A 321 -3.70 -6.26 14.20
N TRP A 322 -2.71 -6.70 13.40
CA TRP A 322 -1.66 -5.82 12.90
C TRP A 322 -1.66 -5.85 11.38
N ILE A 323 -1.91 -4.69 10.76
CA ILE A 323 -1.86 -4.54 9.31
C ILE A 323 -0.75 -3.53 9.03
N THR A 324 0.45 -4.03 8.85
CA THR A 324 1.67 -3.22 8.90
C THR A 324 2.32 -3.19 7.52
N HIS A 325 2.65 -2.00 7.05
CA HIS A 325 3.29 -1.91 5.75
C HIS A 325 4.67 -2.54 5.79
N PRO A 326 4.94 -3.63 4.98
CA PRO A 326 6.25 -4.32 4.98
C PRO A 326 7.25 -3.63 4.06
N GLY A 327 7.74 -2.47 4.49
CA GLY A 327 8.76 -1.80 3.72
C GLY A 327 9.90 -2.74 3.36
N GLY A 328 10.36 -3.52 4.35
CA GLY A 328 11.33 -4.57 4.13
C GLY A 328 11.37 -5.47 5.33
N PRO A 329 12.04 -6.62 5.22
CA PRO A 329 12.13 -7.52 6.40
C PRO A 329 12.77 -6.86 7.60
N ALA A 330 13.76 -5.99 7.38
CA ALA A 330 14.47 -5.40 8.52
C ALA A 330 13.56 -4.48 9.31
N ILE A 331 12.62 -3.79 8.65
CA ILE A 331 11.64 -3.00 9.39
C ILE A 331 10.77 -3.92 10.24
N LEU A 332 10.14 -4.92 9.60
CA LEU A 332 9.25 -5.83 10.31
C LEU A 332 9.96 -6.47 11.51
N ASP A 333 11.17 -6.98 11.31
CA ASP A 333 11.88 -7.68 12.39
C ASP A 333 12.19 -6.76 13.55
N GLN A 334 12.58 -5.52 13.28
CA GLN A 334 12.96 -4.65 14.39
C GLN A 334 11.77 -4.06 15.09
N VAL A 335 10.69 -3.80 14.34
CA VAL A 335 9.44 -3.41 14.98
C VAL A 335 8.96 -4.54 15.88
N GLU A 336 8.93 -5.76 15.34
CA GLU A 336 8.48 -6.90 16.12
C GLU A 336 9.35 -7.10 17.34
N ASP A 337 10.65 -6.83 17.22
CA ASP A 337 11.57 -6.98 18.34
C ASP A 337 11.37 -5.85 19.36
N ARG A 338 11.36 -4.58 18.91
CA ARG A 338 11.31 -3.49 19.88
C ARG A 338 10.00 -3.46 20.65
N LEU A 339 8.89 -3.83 20.02
CA LEU A 339 7.60 -3.90 20.68
C LEU A 339 7.34 -5.25 21.36
N GLY A 340 8.23 -6.22 21.19
CA GLY A 340 8.02 -7.53 21.79
C GLY A 340 6.75 -8.23 21.33
N LEU A 341 6.44 -8.14 20.04
CA LEU A 341 5.25 -8.79 19.49
C LEU A 341 5.50 -10.28 19.34
N ARG A 342 4.51 -11.07 19.74
CA ARG A 342 4.60 -12.50 19.50
C ARG A 342 4.76 -12.75 18.00
N LYS A 343 5.45 -13.85 17.66
CA LYS A 343 5.97 -14.05 16.31
C LYS A 343 4.87 -14.29 15.27
N ASP A 344 3.62 -14.44 15.70
CA ASP A 344 2.51 -14.67 14.76
C ASP A 344 1.75 -13.39 14.39
N LYS A 345 2.05 -12.27 15.04
CA LYS A 345 1.21 -11.08 14.86
C LYS A 345 1.41 -10.46 13.49
N LEU A 346 2.64 -10.48 12.97
CA LEU A 346 2.91 -9.94 11.65
C LEU A 346 2.76 -10.99 10.55
N ALA A 347 2.07 -12.10 10.83
CA ALA A 347 1.96 -13.19 9.87
C ALA A 347 1.23 -12.75 8.60
N SER A 348 0.07 -12.08 8.74
CA SER A 348 -0.65 -11.61 7.56
C SER A 348 0.19 -10.61 6.77
N THR A 349 0.86 -9.70 7.46
CA THR A 349 1.74 -8.76 6.79
C THR A 349 2.82 -9.49 6.00
N ARG A 350 3.48 -10.46 6.64
CA ARG A 350 4.60 -11.12 5.97
C ARG A 350 4.14 -11.98 4.80
N ALA A 351 2.93 -12.54 4.86
CA ALA A 351 2.43 -13.34 3.75
C ALA A 351 2.29 -12.50 2.49
N VAL A 352 1.87 -11.24 2.64
CA VAL A 352 1.65 -10.40 1.47
C VAL A 352 2.97 -9.96 0.85
N LEU A 353 3.95 -9.62 1.70
CA LEU A 353 5.28 -9.27 1.20
C LEU A 353 5.94 -10.47 0.53
N ASP A 354 5.67 -11.68 1.03
CA ASP A 354 6.29 -12.86 0.45
C ASP A 354 5.75 -13.14 -0.95
N GLN A 355 4.49 -12.81 -1.23
CA GLN A 355 3.86 -13.19 -2.49
C GLN A 355 3.68 -12.05 -3.48
N PHE A 356 3.89 -10.78 -3.06
CA PHE A 356 3.88 -9.64 -3.97
C PHE A 356 4.97 -8.60 -3.72
N GLY A 357 5.79 -8.75 -2.67
CA GLY A 357 6.78 -7.74 -2.35
C GLY A 357 6.14 -6.44 -1.89
N ASN A 358 6.96 -5.39 -1.87
CA ASN A 358 6.53 -4.06 -1.46
C ASN A 358 5.82 -3.39 -2.64
N MET A 359 4.51 -3.19 -2.52
CA MET A 359 3.71 -2.51 -3.53
C MET A 359 3.34 -1.11 -3.11
N SER A 360 4.17 -0.50 -2.25
CA SER A 360 4.07 0.89 -1.81
C SER A 360 2.68 1.10 -1.20
N SER A 361 1.89 2.08 -1.69
CA SER A 361 0.69 2.48 -0.97
C SER A 361 -0.37 1.38 -0.95
N ALA A 362 -0.38 0.51 -1.96
CA ALA A 362 -1.39 -0.55 -2.01
C ALA A 362 -1.15 -1.69 -1.01
N THR A 363 0.03 -1.76 -0.39
CA THR A 363 0.36 -3.01 0.29
C THR A 363 -0.52 -3.25 1.50
N VAL A 364 -0.80 -2.21 2.31
CA VAL A 364 -1.58 -2.45 3.53
C VAL A 364 -2.99 -2.94 3.19
N LEU A 365 -3.50 -2.60 2.00
CA LEU A 365 -4.85 -3.04 1.64
C LEU A 365 -4.86 -4.47 1.13
N PHE A 366 -3.76 -4.95 0.53
CA PHE A 366 -3.63 -6.39 0.26
C PHE A 366 -3.60 -7.17 1.56
N ILE A 367 -2.93 -6.60 2.58
CA ILE A 367 -2.81 -7.25 3.88
C ILE A 367 -4.16 -7.29 4.57
N MET A 368 -4.86 -6.16 4.58
CA MET A 368 -6.21 -6.12 5.11
C MET A 368 -7.10 -7.18 4.44
N ASP A 369 -7.01 -7.30 3.12
CA ASP A 369 -7.80 -8.29 2.38
C ASP A 369 -7.39 -9.71 2.78
N GLU A 370 -6.08 -9.97 2.84
CA GLU A 370 -5.61 -11.29 3.23
C GLU A 370 -6.07 -11.63 4.65
N MET A 371 -6.00 -10.67 5.55
CA MET A 371 -6.37 -10.94 6.93
C MET A 371 -7.85 -11.29 7.07
N ARG A 372 -8.73 -10.56 6.38
CA ARG A 372 -10.14 -10.90 6.52
C ARG A 372 -10.45 -12.22 5.87
N LYS A 373 -9.79 -12.51 4.74
CA LYS A 373 -10.06 -13.77 4.04
C LYS A 373 -9.64 -14.98 4.88
N ARG A 374 -8.49 -14.92 5.56
CA ARG A 374 -8.13 -16.04 6.43
C ARG A 374 -9.09 -16.16 7.59
N SER A 375 -9.47 -15.02 8.16
CA SER A 375 -10.36 -15.05 9.31
C SER A 375 -11.67 -15.74 8.95
N VAL A 376 -12.21 -15.43 7.76
CA VAL A 376 -13.38 -16.15 7.27
C VAL A 376 -13.04 -17.63 7.06
N GLU A 377 -11.92 -17.91 6.37
CA GLU A 377 -11.63 -19.28 5.94
C GLU A 377 -11.43 -20.18 7.15
N GLN A 378 -10.85 -19.64 8.21
CA GLN A 378 -10.52 -20.41 9.39
C GLN A 378 -11.52 -20.18 10.48
N GLN A 379 -12.60 -19.50 10.17
CA GLN A 379 -13.71 -19.33 11.07
C GLN A 379 -13.25 -18.78 12.42
N LEU A 380 -12.34 -17.81 12.36
CA LEU A 380 -12.01 -17.05 13.55
C LEU A 380 -13.18 -16.14 13.90
N GLY A 381 -13.13 -15.55 15.10
CA GLY A 381 -14.32 -14.87 15.58
C GLY A 381 -14.58 -13.52 14.93
N THR A 382 -13.55 -12.86 14.41
CA THR A 382 -13.71 -11.55 13.82
C THR A 382 -12.96 -11.48 12.49
N THR A 383 -13.27 -10.45 11.72
CA THR A 383 -12.51 -10.15 10.52
C THR A 383 -11.04 -9.85 10.81
N GLY A 384 -10.70 -9.53 12.07
CA GLY A 384 -9.31 -9.29 12.44
C GLY A 384 -8.68 -10.44 13.22
N GLU A 385 -8.70 -11.64 12.64
CA GLU A 385 -8.04 -12.81 13.23
C GLU A 385 -8.57 -13.17 14.63
N GLY A 386 -9.77 -12.74 14.99
CA GLY A 386 -10.31 -13.03 16.29
C GLY A 386 -10.13 -11.93 17.31
N HIS A 387 -9.45 -10.85 16.95
CA HIS A 387 -9.23 -9.72 17.85
C HIS A 387 -10.16 -8.58 17.47
N GLU A 388 -10.56 -7.79 18.49
CA GLU A 388 -11.50 -6.69 18.25
C GLU A 388 -10.81 -5.49 17.63
N TRP A 389 -9.69 -5.02 18.21
CA TRP A 389 -9.02 -3.82 17.72
C TRP A 389 -7.72 -4.17 17.00
N GLY A 390 -7.31 -3.26 16.11
CA GLY A 390 -6.10 -3.47 15.35
C GLY A 390 -5.49 -2.16 14.93
N LEU A 391 -4.31 -2.26 14.34
CA LEU A 391 -3.54 -1.11 13.90
C LEU A 391 -3.14 -1.31 12.45
N LEU A 392 -3.33 -0.30 11.61
CA LEU A 392 -2.75 -0.28 10.28
C LEU A 392 -1.67 0.80 10.30
N LEU A 393 -0.47 0.47 9.79
CA LEU A 393 0.64 1.40 9.81
C LEU A 393 1.20 1.58 8.40
N GLY A 394 1.43 2.80 7.99
CA GLY A 394 2.13 3.06 6.77
C GLY A 394 3.35 3.89 7.03
N PHE A 395 4.45 3.57 6.39
CA PHE A 395 5.66 4.35 6.50
C PHE A 395 6.16 4.81 5.16
N GLY A 396 6.69 6.01 5.11
CA GLY A 396 7.22 6.56 3.89
C GLY A 396 7.97 7.85 4.07
N PRO A 397 8.19 8.57 2.99
CA PRO A 397 9.05 9.74 3.00
C PRO A 397 8.60 10.76 3.99
N GLY A 398 9.55 11.31 4.71
CA GLY A 398 9.25 12.21 5.79
C GLY A 398 10.24 12.36 6.92
N LEU A 399 10.53 11.33 7.69
CA LEU A 399 9.89 10.03 7.65
C LEU A 399 8.52 10.04 8.28
N THR A 400 7.52 9.74 7.47
CA THR A 400 6.14 9.87 7.81
C THR A 400 5.60 8.55 8.24
N CYS A 401 4.99 8.51 9.39
CA CYS A 401 4.24 7.37 9.83
C CYS A 401 2.73 7.60 10.02
N GLU A 402 1.89 6.90 9.27
CA GLU A 402 0.43 7.00 9.38
C GLU A 402 -0.10 5.86 10.24
N THR A 403 -0.88 6.22 11.26
CA THR A 403 -1.45 5.24 12.17
C THR A 403 -2.97 5.26 12.06
N VAL A 404 -3.58 4.11 11.85
CA VAL A 404 -5.04 4.02 11.83
C VAL A 404 -5.47 2.96 12.82
N VAL A 405 -6.20 3.37 13.86
CA VAL A 405 -6.78 2.39 14.78
C VAL A 405 -8.07 1.90 14.15
N LEU A 406 -8.16 0.60 13.94
CA LEU A 406 -9.28 -0.05 13.28
C LEU A 406 -10.04 -0.91 14.29
N ARG A 407 -11.32 -1.12 14.03
CA ARG A 407 -12.05 -2.14 14.75
C ARG A 407 -12.50 -3.22 13.78
N SER A 408 -12.34 -4.48 14.18
CA SER A 408 -12.82 -5.57 13.33
C SER A 408 -14.34 -5.68 13.44
N VAL A 409 -14.91 -6.61 12.69
CA VAL A 409 -16.35 -6.90 12.78
C VAL A 409 -16.49 -8.39 13.07
N PRO A 410 -17.41 -8.80 13.94
CA PRO A 410 -17.50 -10.23 14.27
C PRO A 410 -18.05 -11.06 13.12
N LEU A 411 -17.63 -12.33 13.10
CA LEU A 411 -18.03 -13.26 12.05
C LEU A 411 -19.06 -14.26 12.58
N VAL A 412 -20.02 -14.61 11.72
CA VAL A 412 -21.16 -15.49 11.98
C VAL A 412 -21.65 -15.39 13.41
C1 KML B . 9.20 5.03 -3.89
C2 KML B . 8.19 4.33 -3.39
C3 KML B . 7.69 3.54 -5.56
C4 KML B . 6.96 2.39 -6.30
O1 KML B . 7.45 3.45 -4.22
O2 KML B . 8.22 5.39 0.17
O3 KML B . 11.04 6.63 -3.77
O KML B . 10.93 5.14 -5.50
C KML B . 9.55 4.90 -5.36
C10 KML B . 9.15 3.49 -5.77
C9 KML B . 7.01 1.11 -5.85
C8 KML B . 6.35 0.13 -6.54
C7 KML B . 5.64 0.43 -7.67
C6 KML B . 5.62 1.74 -8.13
C5 KML B . 6.28 2.69 -7.45
C11 KML B . 7.87 4.44 -2.05
C12 KML B . 8.57 5.28 -1.28
C13 KML B . 9.63 6.02 -1.81
C14 KML B . 9.93 5.89 -3.10
#